data_1XNF
#
_entry.id   1XNF
#
_cell.length_a   64.351
_cell.length_b   81.654
_cell.length_c   136.660
_cell.angle_alpha   90.00
_cell.angle_beta   90.00
_cell.angle_gamma   90.00
#
_symmetry.space_group_name_H-M   'P 21 21 21'
#
loop_
_entity.id
_entity.type
_entity.pdbx_description
1 polymer 'Lipoprotein nlpI'
2 non-polymer 2-AMINO-2-HYDROXYMETHYL-PROPANE-1,3-DIOL
3 water water
#
_entity_poly.entity_id   1
_entity_poly.type   'polypeptide(L)'
_entity_poly.pdbx_seq_one_letter_code
;SNTSWRKSEVLAVPLQPTLQQEVILAR(MSE)EQILASRALTDDERAQLLYERGVLYDSLGLRALARNDFSQALAIRPD
(MSE)PEVFNYLGIYLTQAGNFDAAYEAFDSVLELDPTYNYAHLNRGIALYYGGRDKLAQDDLLAFYQDDPNDPFRSLWL
YLAEQKLDEKQAKEVLKQHFEKSDKEQWGWNIVEFYLGNISEQTL(MSE)ERLKADATDNTSLAEHLSETNFYLGKYYLS
LGDLDSATALFKLAVANNVHNFVEHRYALLELSLLGQDQDDLAESDQQ
;
_entity_poly.pdbx_strand_id   A,B
#
loop_
_chem_comp.id
_chem_comp.type
_chem_comp.name
_chem_comp.formula
TRS non-polymer 2-AMINO-2-HYDROXYMETHYL-PROPANE-1,3-DIOL 'C4 H12 N O3 1'
#
# COMPACT_ATOMS: atom_id res chain seq x y z
N LYS A 7 -14.34 16.39 -2.25
CA LYS A 7 -14.61 14.93 -2.13
C LYS A 7 -13.24 14.17 -1.99
N SER A 8 -12.23 14.66 -2.69
CA SER A 8 -10.95 13.97 -2.74
C SER A 8 -10.17 14.08 -1.37
N GLU A 9 -10.61 15.01 -0.52
CA GLU A 9 -9.86 15.43 0.69
C GLU A 9 -9.98 14.39 1.84
N VAL A 10 -10.93 13.44 1.69
CA VAL A 10 -11.17 12.38 2.67
C VAL A 10 -10.31 11.16 2.41
N LEU A 11 -9.44 11.32 1.45
CA LEU A 11 -8.50 10.29 1.09
C LEU A 11 -7.14 10.90 1.08
N ALA A 12 -6.16 10.11 1.46
CA ALA A 12 -4.73 10.44 1.31
C ALA A 12 -4.17 9.75 0.08
N VAL A 13 -3.00 10.19 -0.35
CA VAL A 13 -2.23 9.38 -1.28
C VAL A 13 -1.62 8.31 -0.40
N PRO A 14 -1.87 7.04 -0.72
CA PRO A 14 -1.33 5.93 0.04
C PRO A 14 0.18 6.12 0.19
N LEU A 15 0.66 5.96 1.40
CA LEU A 15 2.09 6.10 1.69
C LEU A 15 2.96 5.10 0.97
N GLN A 16 4.14 5.62 0.58
CA GLN A 16 5.12 4.92 -0.26
C GLN A 16 6.44 4.93 0.53
N PRO A 17 7.31 3.96 0.30
CA PRO A 17 8.66 3.97 0.89
C PRO A 17 9.40 5.23 0.47
N THR A 18 10.11 5.83 1.38
CA THR A 18 10.91 6.99 1.02
C THR A 18 12.25 6.54 0.53
N LEU A 19 12.95 7.44 -0.14
CA LEU A 19 14.25 7.13 -0.69
C LEU A 19 15.18 6.79 0.47
N GLN A 20 15.10 7.53 1.57
CA GLN A 20 15.99 7.30 2.72
C GLN A 20 15.79 5.90 3.30
N GLN A 21 14.56 5.46 3.37
CA GLN A 21 14.26 4.11 3.86
C GLN A 21 14.89 3.00 2.97
N GLU A 22 14.77 3.18 1.65
CA GLU A 22 15.39 2.27 0.70
C GLU A 22 16.94 2.36 0.76
N VAL A 23 17.49 3.57 0.91
CA VAL A 23 18.94 3.69 0.99
C VAL A 23 19.42 2.94 2.25
N ILE A 24 18.72 3.11 3.36
CA ILE A 24 19.12 2.46 4.63
C ILE A 24 19.07 0.93 4.44
N LEU A 25 18.00 0.42 3.86
CA LEU A 25 17.93 -1.02 3.63
C LEU A 25 19.11 -1.52 2.79
N ALA A 26 19.44 -0.80 1.74
CA ALA A 26 20.53 -1.24 0.87
C ALA A 26 21.83 -1.28 1.66
N ARG A 27 22.06 -0.26 2.47
CA ARG A 27 23.27 -0.25 3.25
C ARG A 27 23.24 -1.42 4.28
N MSE A 28 22.11 -1.62 4.96
CA MSE A 28 21.96 -2.72 5.92
C MSE A 28 22.30 -4.07 5.34
O MSE A 28 22.95 -4.89 6.02
CB MSE A 28 20.54 -2.78 6.49
CG MSE A 28 20.36 -1.83 7.64
SE MSE A 28 18.47 -1.71 8.08
CE MSE A 28 18.56 -0.45 9.74
N GLU A 29 21.93 -4.30 4.09
CA GLU A 29 22.20 -5.57 3.46
C GLU A 29 23.73 -5.82 3.42
N GLN A 30 24.47 -4.79 3.04
CA GLN A 30 25.92 -4.91 2.82
C GLN A 30 26.66 -5.08 4.16
N ILE A 31 26.18 -4.42 5.21
CA ILE A 31 26.78 -4.52 6.53
C ILE A 31 26.53 -5.94 7.04
N LEU A 32 25.31 -6.43 6.88
CA LEU A 32 25.00 -7.74 7.40
C LEU A 32 25.80 -8.78 6.62
N ALA A 33 26.13 -8.51 5.36
CA ALA A 33 26.92 -9.47 4.56
C ALA A 33 28.38 -9.57 4.99
N SER A 34 28.81 -8.64 5.84
CA SER A 34 30.19 -8.54 6.24
C SER A 34 30.48 -9.35 7.51
N ARG A 35 31.75 -9.54 7.78
CA ARG A 35 32.20 -10.20 8.99
C ARG A 35 32.61 -9.14 10.00
N ALA A 36 32.22 -7.89 9.74
CA ALA A 36 32.62 -6.77 10.57
C ALA A 36 31.83 -6.71 11.90
N LEU A 37 30.80 -7.54 12.07
CA LEU A 37 29.88 -7.42 13.22
C LEU A 37 30.10 -8.44 14.35
N THR A 38 30.23 -7.96 15.58
CA THR A 38 30.14 -8.86 16.75
C THR A 38 28.74 -9.44 16.80
N ASP A 39 28.53 -10.46 17.62
CA ASP A 39 27.18 -10.97 17.78
C ASP A 39 26.24 -9.86 18.31
N ASP A 40 26.65 -9.08 19.31
CA ASP A 40 25.70 -8.06 19.80
C ASP A 40 25.36 -6.98 18.77
N GLU A 41 26.32 -6.60 17.93
CA GLU A 41 26.04 -5.63 16.88
C GLU A 41 25.14 -6.23 15.83
N ARG A 42 25.35 -7.51 15.53
CA ARG A 42 24.56 -8.17 14.48
C ARG A 42 23.07 -8.28 14.88
N ALA A 43 22.87 -8.75 16.13
CA ALA A 43 21.55 -8.78 16.80
C ALA A 43 20.86 -7.45 16.76
N GLN A 44 21.57 -6.38 17.07
CA GLN A 44 20.95 -5.08 17.08
C GLN A 44 20.61 -4.64 15.67
N LEU A 45 21.50 -4.90 14.73
CA LEU A 45 21.26 -4.43 13.37
C LEU A 45 20.08 -5.21 12.75
N LEU A 46 20.07 -6.49 13.01
CA LEU A 46 18.99 -7.36 12.60
C LEU A 46 17.61 -6.80 13.16
N TYR A 47 17.58 -6.42 14.43
CA TYR A 47 16.38 -5.83 15.06
C TYR A 47 15.98 -4.58 14.31
N GLU A 48 16.96 -3.73 14.05
CA GLU A 48 16.68 -2.47 13.39
C GLU A 48 16.15 -2.69 11.99
N ARG A 49 16.69 -3.69 11.29
CA ARG A 49 16.21 -3.92 9.95
C ARG A 49 14.80 -4.46 10.01
N GLY A 50 14.58 -5.30 10.98
CA GLY A 50 13.29 -5.84 11.18
C GLY A 50 12.21 -4.77 11.45
N VAL A 51 12.53 -3.85 12.29
CA VAL A 51 11.64 -2.73 12.53
C VAL A 51 11.37 -1.99 11.24
N LEU A 52 12.42 -1.76 10.43
CA LEU A 52 12.21 -1.02 9.15
C LEU A 52 11.35 -1.82 8.19
N TYR A 53 11.69 -3.10 8.01
CA TYR A 53 10.87 -4.00 7.22
C TYR A 53 9.41 -3.98 7.64
N ASP A 54 9.17 -4.22 8.94
CA ASP A 54 7.86 -4.04 9.50
C ASP A 54 7.16 -2.72 9.07
N SER A 55 7.88 -1.61 9.17
CA SER A 55 7.29 -0.32 8.88
C SER A 55 6.96 -0.18 7.43
N LEU A 56 7.53 -1.05 6.62
CA LEU A 56 7.24 -1.07 5.18
C LEU A 56 6.23 -2.13 4.71
N GLY A 57 5.70 -2.86 5.66
CA GLY A 57 4.71 -3.85 5.42
C GLY A 57 5.33 -5.20 5.10
N LEU A 58 6.63 -5.40 5.28
CA LEU A 58 7.33 -6.65 4.94
C LEU A 58 7.59 -7.46 6.15
N ARG A 59 6.51 -7.97 6.65
CA ARG A 59 6.46 -8.53 8.02
C ARG A 59 7.09 -9.91 8.13
N ALA A 60 7.13 -10.65 7.05
CA ALA A 60 7.85 -11.92 7.04
C ALA A 60 9.38 -11.74 7.02
N LEU A 61 9.87 -10.76 6.29
CA LEU A 61 11.28 -10.45 6.30
C LEU A 61 11.63 -9.91 7.68
N ALA A 62 10.70 -9.18 8.28
CA ALA A 62 10.93 -8.61 9.60
C ALA A 62 11.09 -9.75 10.62
N ARG A 63 10.15 -10.68 10.59
CA ARG A 63 10.11 -11.74 11.56
C ARG A 63 11.39 -12.59 11.41
N ASN A 64 11.86 -12.72 10.16
CA ASN A 64 13.12 -13.44 9.89
C ASN A 64 14.27 -12.79 10.67
N ASP A 65 14.41 -11.47 10.50
CA ASP A 65 15.46 -10.71 11.15
C ASP A 65 15.32 -10.83 12.68
N PHE A 66 14.08 -10.64 13.18
CA PHE A 66 13.82 -10.71 14.63
C PHE A 66 14.21 -12.07 15.23
N SER A 67 13.88 -13.16 14.55
CA SER A 67 14.12 -14.49 15.03
C SER A 67 15.62 -14.82 15.07
N GLN A 68 16.32 -14.42 14.01
CA GLN A 68 17.76 -14.48 13.95
C GLN A 68 18.43 -13.64 15.05
N ALA A 69 17.91 -12.45 15.34
CA ALA A 69 18.48 -11.61 16.36
C ALA A 69 18.37 -12.31 17.72
N LEU A 70 17.17 -12.83 18.00
CA LEU A 70 16.88 -13.55 19.23
C LEU A 70 17.76 -14.81 19.42
N ALA A 71 18.16 -15.42 18.32
CA ALA A 71 18.93 -16.64 18.38
C ALA A 71 20.31 -16.27 18.87
N ILE A 72 20.79 -15.11 18.45
CA ILE A 72 22.06 -14.59 18.88
C ILE A 72 22.01 -13.97 20.27
N ARG A 73 20.93 -13.27 20.61
CA ARG A 73 20.83 -12.52 21.83
C ARG A 73 19.40 -12.78 22.36
N PRO A 74 19.23 -13.79 23.24
CA PRO A 74 17.89 -14.16 23.76
C PRO A 74 17.19 -13.16 24.71
N ASP A 75 17.92 -12.21 25.28
CA ASP A 75 17.29 -11.25 26.18
C ASP A 75 16.87 -10.04 25.35
N MSE A 76 15.84 -10.25 24.54
CA MSE A 76 15.31 -9.17 23.72
C MSE A 76 13.80 -9.11 23.83
O MSE A 76 13.09 -9.59 22.94
CB MSE A 76 15.75 -9.38 22.27
CG MSE A 76 17.25 -9.24 22.09
SE MSE A 76 17.83 -9.48 20.21
CE MSE A 76 17.41 -7.51 19.68
N PRO A 77 13.31 -8.48 24.89
CA PRO A 77 11.87 -8.30 25.05
C PRO A 77 11.25 -7.63 23.78
N GLU A 78 11.99 -6.73 23.14
CA GLU A 78 11.59 -5.93 21.96
C GLU A 78 11.18 -6.83 20.82
N VAL A 79 11.93 -7.94 20.71
CA VAL A 79 11.73 -8.91 19.71
C VAL A 79 10.52 -9.78 20.04
N PHE A 80 10.41 -10.25 21.27
CA PHE A 80 9.24 -11.02 21.61
C PHE A 80 7.93 -10.23 21.38
N ASN A 81 7.98 -8.93 21.66
CA ASN A 81 6.83 -8.05 21.46
C ASN A 81 6.40 -8.06 20.00
N TYR A 82 7.31 -7.82 19.06
CA TYR A 82 6.94 -7.97 17.63
C TYR A 82 6.48 -9.36 17.28
N LEU A 83 7.16 -10.37 17.82
CA LEU A 83 6.78 -11.75 17.49
C LEU A 83 5.39 -12.04 18.00
N GLY A 84 5.05 -11.47 19.18
CA GLY A 84 3.70 -11.53 19.69
C GLY A 84 2.69 -10.84 18.77
N ILE A 85 3.05 -9.67 18.28
CA ILE A 85 2.17 -8.93 17.37
C ILE A 85 1.88 -9.75 16.14
N TYR A 86 2.92 -10.36 15.59
CA TYR A 86 2.74 -11.15 14.41
C TYR A 86 1.88 -12.37 14.68
N LEU A 87 2.05 -12.97 15.86
CA LEU A 87 1.23 -14.09 16.20
C LEU A 87 -0.25 -13.65 16.29
N THR A 88 -0.50 -12.48 16.84
CA THR A 88 -1.88 -11.96 16.91
C THR A 88 -2.43 -11.74 15.49
N GLN A 89 -1.63 -11.11 14.63
CA GLN A 89 -2.04 -10.87 13.24
C GLN A 89 -2.38 -12.15 12.56
N ALA A 90 -1.66 -13.24 12.89
CA ALA A 90 -1.80 -14.55 12.25
C ALA A 90 -2.95 -15.29 12.88
N GLY A 91 -3.58 -14.74 13.90
CA GLY A 91 -4.70 -15.46 14.50
C GLY A 91 -4.33 -16.48 15.56
N ASN A 92 -3.05 -16.50 15.96
CA ASN A 92 -2.48 -17.49 16.92
C ASN A 92 -2.39 -16.82 18.27
N PHE A 93 -3.57 -16.63 18.88
CA PHE A 93 -3.67 -15.77 20.05
C PHE A 93 -3.06 -16.42 21.28
N ASP A 94 -3.22 -17.75 21.44
CA ASP A 94 -2.56 -18.42 22.56
C ASP A 94 -1.05 -18.23 22.49
N ALA A 95 -0.46 -18.42 21.31
CA ALA A 95 0.99 -18.31 21.19
C ALA A 95 1.38 -16.86 21.38
N ALA A 96 0.50 -15.94 20.99
CA ALA A 96 0.75 -14.55 21.17
C ALA A 96 0.86 -14.24 22.68
N TYR A 97 -0.05 -14.81 23.49
CA TYR A 97 -0.04 -14.57 24.94
C TYR A 97 1.30 -15.01 25.51
N GLU A 98 1.81 -16.15 25.05
CA GLU A 98 3.07 -16.72 25.57
C GLU A 98 4.20 -15.77 25.20
N ALA A 99 4.17 -15.19 23.99
CA ALA A 99 5.25 -14.27 23.59
C ALA A 99 5.26 -13.06 24.46
N PHE A 100 4.08 -12.53 24.78
CA PHE A 100 4.00 -11.32 25.58
C PHE A 100 4.32 -11.63 27.04
N ASP A 101 3.99 -12.82 27.49
CA ASP A 101 4.51 -13.32 28.75
C ASP A 101 6.03 -13.28 28.84
N SER A 102 6.72 -13.79 27.81
CA SER A 102 8.17 -13.75 27.75
C SER A 102 8.69 -12.32 27.76
N VAL A 103 8.02 -11.42 27.02
CA VAL A 103 8.36 -10.00 27.09
C VAL A 103 8.40 -9.56 28.55
N LEU A 104 7.33 -9.82 29.27
CA LEU A 104 7.20 -9.19 30.58
C LEU A 104 8.04 -9.84 31.69
N GLU A 105 8.40 -11.09 31.48
CA GLU A 105 9.29 -11.80 32.32
C GLU A 105 10.72 -11.29 32.06
N LEU A 106 11.09 -11.04 30.81
CA LEU A 106 12.37 -10.44 30.55
C LEU A 106 12.37 -9.01 31.08
N ASP A 107 11.24 -8.30 30.95
CA ASP A 107 11.25 -6.89 31.31
C ASP A 107 9.82 -6.41 31.63
N PRO A 108 9.46 -6.50 32.90
CA PRO A 108 8.12 -6.10 33.37
C PRO A 108 7.77 -4.65 33.09
N THR A 109 8.74 -3.81 32.78
CA THR A 109 8.46 -2.40 32.48
C THR A 109 8.15 -2.24 31.00
N TYR A 110 8.28 -3.31 30.19
CA TYR A 110 7.97 -3.22 28.73
C TYR A 110 6.41 -3.15 28.53
N ASN A 111 5.92 -1.98 28.84
CA ASN A 111 4.56 -1.56 28.94
C ASN A 111 3.70 -1.94 27.73
N TYR A 112 4.25 -1.74 26.56
CA TYR A 112 3.48 -1.99 25.35
C TYR A 112 3.09 -3.43 25.22
N ALA A 113 3.76 -4.31 25.99
CA ALA A 113 3.36 -5.71 26.00
C ALA A 113 1.96 -5.86 26.60
N HIS A 114 1.60 -4.99 27.51
CA HIS A 114 0.29 -5.06 28.14
C HIS A 114 -0.81 -4.64 27.13
N LEU A 115 -0.55 -3.60 26.33
CA LEU A 115 -1.43 -3.17 25.25
C LEU A 115 -1.59 -4.35 24.33
N ASN A 116 -0.49 -4.87 23.85
CA ASN A 116 -0.53 -5.89 22.82
C ASN A 116 -1.11 -7.20 23.30
N ARG A 117 -0.83 -7.62 24.53
CA ARG A 117 -1.42 -8.81 25.07
C ARG A 117 -2.90 -8.58 25.26
N GLY A 118 -3.26 -7.42 25.77
CA GLY A 118 -4.66 -6.97 25.80
C GLY A 118 -5.41 -7.12 24.53
N ILE A 119 -4.82 -6.63 23.45
CA ILE A 119 -5.40 -6.74 22.14
C ILE A 119 -5.48 -8.18 21.74
N ALA A 120 -4.46 -8.94 22.00
CA ALA A 120 -4.49 -10.36 21.68
C ALA A 120 -5.56 -11.12 22.45
N LEU A 121 -5.77 -10.77 23.69
CA LEU A 121 -6.79 -11.40 24.49
C LEU A 121 -8.20 -11.00 23.99
N TYR A 122 -8.35 -9.75 23.60
CA TYR A 122 -9.57 -9.28 22.96
C TYR A 122 -9.89 -10.07 21.73
N TYR A 123 -8.91 -10.20 20.84
CA TYR A 123 -9.11 -10.96 19.64
C TYR A 123 -9.29 -12.47 19.96
N GLY A 124 -8.69 -12.94 21.08
CA GLY A 124 -8.85 -14.31 21.51
C GLY A 124 -10.12 -14.52 22.31
N GLY A 125 -10.96 -13.49 22.45
CA GLY A 125 -12.25 -13.65 23.12
C GLY A 125 -12.18 -13.68 24.64
N ARG A 126 -11.13 -13.14 25.24
CA ARG A 126 -11.00 -13.12 26.67
C ARG A 126 -11.08 -11.72 27.17
N ASP A 127 -12.28 -11.15 27.14
CA ASP A 127 -12.45 -9.76 27.38
C ASP A 127 -12.11 -9.32 28.81
N LYS A 128 -12.37 -10.15 29.83
CA LYS A 128 -12.08 -9.76 31.24
C LYS A 128 -10.56 -9.72 31.45
N LEU A 129 -9.87 -10.69 30.87
CA LEU A 129 -8.42 -10.72 30.95
C LEU A 129 -7.84 -9.56 30.12
N ALA A 130 -8.46 -9.28 28.99
CA ALA A 130 -8.02 -8.21 28.14
C ALA A 130 -8.15 -6.85 28.89
N GLN A 131 -9.23 -6.70 29.65
CA GLN A 131 -9.47 -5.49 30.39
C GLN A 131 -8.42 -5.26 31.49
N ASP A 132 -7.94 -6.31 32.18
CA ASP A 132 -6.81 -6.15 33.11
C ASP A 132 -5.63 -5.53 32.41
N ASP A 133 -5.22 -6.06 31.26
CA ASP A 133 -4.04 -5.49 30.58
C ASP A 133 -4.34 -4.12 30.02
N LEU A 134 -5.54 -3.92 29.45
CA LEU A 134 -5.84 -2.64 28.87
C LEU A 134 -6.06 -1.55 29.91
N LEU A 135 -6.68 -1.86 31.04
CA LEU A 135 -6.76 -0.93 32.19
C LEU A 135 -5.41 -0.55 32.71
N ALA A 136 -4.51 -1.52 32.81
CA ALA A 136 -3.15 -1.22 33.24
C ALA A 136 -2.43 -0.33 32.25
N PHE A 137 -2.61 -0.57 30.97
CA PHE A 137 -1.99 0.28 29.96
C PHE A 137 -2.58 1.67 30.01
N TYR A 138 -3.92 1.76 30.15
CA TYR A 138 -4.60 3.03 30.31
C TYR A 138 -3.95 3.84 31.46
N GLN A 139 -3.76 3.15 32.58
CA GLN A 139 -3.29 3.79 33.80
C GLN A 139 -1.97 4.45 33.63
N ASP A 140 -1.10 3.89 32.81
CA ASP A 140 0.17 4.46 32.47
C ASP A 140 0.13 5.72 31.62
N ASP A 141 -0.92 5.95 30.85
CA ASP A 141 -1.06 7.23 30.18
C ASP A 141 -2.54 7.55 29.87
N PRO A 142 -3.25 8.01 30.89
CA PRO A 142 -4.69 8.31 30.76
C PRO A 142 -5.08 9.34 29.69
N ASN A 143 -4.13 10.11 29.17
CA ASN A 143 -4.44 11.15 28.18
C ASN A 143 -4.31 10.63 26.80
N ASP A 144 -3.84 9.38 26.65
CA ASP A 144 -3.74 8.74 25.36
C ASP A 144 -5.10 8.16 24.97
N PRO A 145 -5.80 8.79 24.01
CA PRO A 145 -7.20 8.37 23.74
C PRO A 145 -7.24 6.96 23.28
N PHE A 146 -6.20 6.53 22.60
CA PHE A 146 -6.24 5.15 22.04
C PHE A 146 -6.28 4.09 23.12
N ARG A 147 -5.76 4.38 24.29
CA ARG A 147 -5.83 3.45 25.43
C ARG A 147 -7.26 3.31 25.94
N SER A 148 -8.02 4.44 25.97
CA SER A 148 -9.40 4.40 26.34
C SER A 148 -10.20 3.74 25.26
N LEU A 149 -9.87 3.97 24.02
CA LEU A 149 -10.60 3.30 22.94
C LEU A 149 -10.48 1.80 23.00
N TRP A 150 -9.25 1.27 23.17
CA TRP A 150 -9.08 -0.18 23.30
C TRP A 150 -9.72 -0.78 24.57
N LEU A 151 -9.62 -0.09 25.71
CA LEU A 151 -10.37 -0.51 26.90
C LEU A 151 -11.89 -0.53 26.66
N TYR A 152 -12.41 0.48 26.00
CA TYR A 152 -13.81 0.50 25.63
C TYR A 152 -14.18 -0.68 24.73
N LEU A 153 -13.33 -0.96 23.77
CA LEU A 153 -13.64 -2.06 22.84
C LEU A 153 -13.74 -3.37 23.59
N ALA A 154 -12.81 -3.56 24.50
CA ALA A 154 -12.82 -4.74 25.32
C ALA A 154 -14.02 -4.81 26.30
N GLU A 155 -14.43 -3.70 26.89
CA GLU A 155 -15.55 -3.75 27.84
C GLU A 155 -16.93 -3.82 27.14
N GLN A 156 -17.01 -3.31 25.93
CA GLN A 156 -18.31 -3.18 25.33
C GLN A 156 -18.98 -4.50 24.98
N LYS A 157 -18.23 -5.56 24.76
CA LYS A 157 -18.91 -6.79 24.46
C LYS A 157 -19.57 -7.35 25.73
N LEU A 158 -18.93 -7.20 26.88
CA LEU A 158 -19.48 -7.62 28.19
C LEU A 158 -20.57 -6.74 28.73
N ASP A 159 -20.38 -5.40 28.66
CA ASP A 159 -21.38 -4.50 29.20
C ASP A 159 -21.26 -3.16 28.51
N GLU A 160 -22.09 -2.92 27.51
CA GLU A 160 -21.93 -1.74 26.67
C GLU A 160 -22.19 -0.47 27.46
N LYS A 161 -23.21 -0.49 28.31
CA LYS A 161 -23.59 0.67 29.11
C LYS A 161 -22.45 1.01 30.03
N GLN A 162 -21.93 0.01 30.72
CA GLN A 162 -20.77 0.25 31.58
C GLN A 162 -19.52 0.70 30.80
N ALA A 163 -19.27 0.13 29.64
CA ALA A 163 -18.13 0.54 28.83
C ALA A 163 -18.23 1.99 28.42
N LYS A 164 -19.41 2.42 28.01
CA LYS A 164 -19.64 3.83 27.67
C LYS A 164 -19.49 4.74 28.82
N GLU A 165 -19.93 4.28 30.01
CA GLU A 165 -19.83 5.14 31.18
C GLU A 165 -18.36 5.27 31.57
N VAL A 166 -17.54 4.22 31.49
CA VAL A 166 -16.10 4.33 31.72
C VAL A 166 -15.43 5.22 30.64
N LEU A 167 -15.84 5.08 29.39
CA LEU A 167 -15.26 5.92 28.32
C LEU A 167 -15.53 7.41 28.57
N LYS A 168 -16.73 7.68 29.03
CA LYS A 168 -17.20 9.03 29.30
C LYS A 168 -16.36 9.62 30.42
N GLN A 169 -16.12 8.81 31.47
CA GLN A 169 -15.28 9.24 32.59
C GLN A 169 -13.87 9.44 32.09
N HIS A 170 -13.36 8.53 31.25
CA HIS A 170 -12.01 8.74 30.72
C HIS A 170 -11.86 9.98 29.87
N PHE A 171 -12.87 10.27 29.08
CA PHE A 171 -12.85 11.50 28.28
C PHE A 171 -12.82 12.74 29.23
N GLU A 172 -13.78 12.73 30.17
CA GLU A 172 -13.92 13.81 31.17
C GLU A 172 -12.58 14.06 31.86
N LYS A 173 -11.92 12.99 32.33
CA LYS A 173 -10.67 13.09 33.11
C LYS A 173 -9.46 13.49 32.29
N SER A 174 -9.55 13.27 30.99
CA SER A 174 -8.46 13.58 30.09
C SER A 174 -8.39 15.09 29.80
N ASP A 175 -7.24 15.50 29.24
CA ASP A 175 -7.00 16.89 28.85
C ASP A 175 -7.72 17.16 27.52
N LYS A 176 -8.19 16.09 26.87
CA LYS A 176 -8.98 16.18 25.65
C LYS A 176 -8.17 16.78 24.48
N GLU A 177 -6.84 16.78 24.59
CA GLU A 177 -5.97 17.43 23.63
C GLU A 177 -5.70 16.62 22.36
N GLN A 178 -5.32 15.34 22.52
CA GLN A 178 -4.87 14.53 21.39
C GLN A 178 -5.99 14.23 20.47
N TRP A 179 -5.66 14.06 19.22
CA TRP A 179 -6.68 13.96 18.21
C TRP A 179 -7.66 12.79 18.37
N GLY A 180 -7.16 11.67 18.87
CA GLY A 180 -7.95 10.53 19.14
C GLY A 180 -9.16 10.79 20.04
N TRP A 181 -9.17 11.82 20.89
CA TRP A 181 -10.38 12.14 21.66
C TRP A 181 -11.56 12.51 20.76
N ASN A 182 -11.32 12.96 19.51
CA ASN A 182 -12.39 13.24 18.59
C ASN A 182 -13.17 11.99 18.28
N ILE A 183 -12.44 10.89 18.12
CA ILE A 183 -13.04 9.60 17.82
C ILE A 183 -13.83 9.21 19.08
N VAL A 184 -13.25 9.46 20.27
CA VAL A 184 -13.95 9.12 21.50
C VAL A 184 -15.26 9.88 21.54
N GLU A 185 -15.22 11.14 21.12
CA GLU A 185 -16.46 11.95 21.13
C GLU A 185 -17.49 11.38 20.21
N PHE A 186 -17.07 10.86 19.05
CA PHE A 186 -18.01 10.21 18.17
C PHE A 186 -18.57 8.93 18.83
N TYR A 187 -17.70 8.12 19.45
CA TYR A 187 -18.13 6.95 20.22
C TYR A 187 -19.20 7.28 21.29
N LEU A 188 -19.05 8.45 21.90
CA LEU A 188 -19.90 8.85 23.01
C LEU A 188 -21.23 9.42 22.48
N GLY A 189 -21.35 9.62 21.18
CA GLY A 189 -22.56 10.19 20.60
C GLY A 189 -22.55 11.75 20.64
N ASN A 190 -21.43 12.37 20.95
CA ASN A 190 -21.36 13.84 21.02
C ASN A 190 -21.41 14.52 19.67
N ILE A 191 -20.81 13.88 18.65
CA ILE A 191 -20.75 14.43 17.33
C ILE A 191 -21.12 13.40 16.25
N SER A 192 -21.37 13.91 15.05
CA SER A 192 -21.66 13.06 13.91
C SER A 192 -20.34 12.55 13.30
N GLU A 193 -20.47 11.47 12.56
CA GLU A 193 -19.41 10.96 11.73
C GLU A 193 -18.91 11.99 10.76
N GLN A 194 -19.81 12.77 10.17
CA GLN A 194 -19.41 13.80 9.25
C GLN A 194 -18.55 14.85 9.97
N THR A 195 -18.97 15.22 11.16
CA THR A 195 -18.22 16.17 11.92
C THR A 195 -16.80 15.62 12.24
N LEU A 196 -16.74 14.36 12.62
CA LEU A 196 -15.44 13.72 12.87
C LEU A 196 -14.54 13.84 11.67
N MSE A 197 -15.07 13.50 10.49
CA MSE A 197 -14.28 13.54 9.26
C MSE A 197 -13.96 15.00 8.93
O MSE A 197 -12.89 15.27 8.38
CB MSE A 197 -15.01 12.91 8.08
CG MSE A 197 -15.40 11.45 8.30
SE MSE A 197 -13.83 10.44 8.95
CE MSE A 197 -12.88 10.67 7.32
N GLU A 198 -14.84 15.96 9.24
CA GLU A 198 -14.46 17.38 9.00
C GLU A 198 -13.34 17.76 9.90
N ARG A 199 -13.37 17.34 11.17
CA ARG A 199 -12.27 17.69 12.09
C ARG A 199 -10.98 17.03 11.65
N LEU A 200 -11.06 15.77 11.15
CA LEU A 200 -9.89 15.11 10.67
C LEU A 200 -9.21 15.86 9.53
N LYS A 201 -9.98 16.26 8.54
CA LYS A 201 -9.44 17.01 7.44
C LYS A 201 -8.75 18.31 7.86
N ALA A 202 -9.40 19.02 8.78
CA ALA A 202 -8.91 20.29 9.31
C ALA A 202 -7.65 20.09 10.14
N ASP A 203 -7.51 18.97 10.86
CA ASP A 203 -6.36 18.75 11.75
C ASP A 203 -5.15 18.21 10.99
N ALA A 204 -5.35 17.39 9.95
CA ALA A 204 -4.19 16.86 9.24
C ALA A 204 -3.41 17.99 8.56
N THR A 205 -2.08 17.87 8.46
CA THR A 205 -1.25 18.96 7.94
C THR A 205 -0.57 18.76 6.58
N ASP A 206 -0.49 17.52 6.23
CA ASP A 206 0.28 17.05 5.06
C ASP A 206 -0.16 15.60 4.80
N ASN A 207 0.34 14.99 3.73
CA ASN A 207 -0.22 13.74 3.30
C ASN A 207 0.01 12.63 4.30
N THR A 208 1.19 12.61 4.91
CA THR A 208 1.39 11.59 5.91
C THR A 208 0.59 11.71 7.17
N SER A 209 0.39 12.90 7.72
CA SER A 209 -0.52 12.96 8.87
C SER A 209 -1.95 12.66 8.49
N LEU A 210 -2.38 13.06 7.31
CA LEU A 210 -3.71 12.70 6.82
C LEU A 210 -3.81 11.17 6.75
N ALA A 211 -2.84 10.51 6.16
CA ALA A 211 -2.88 9.04 6.07
C ALA A 211 -2.93 8.43 7.45
N GLU A 212 -2.15 8.95 8.38
CA GLU A 212 -2.13 8.38 9.71
C GLU A 212 -3.45 8.58 10.42
N HIS A 213 -4.07 9.75 10.27
CA HIS A 213 -5.41 9.94 10.82
C HIS A 213 -6.46 9.06 10.21
N LEU A 214 -6.40 8.90 8.90
CA LEU A 214 -7.37 8.11 8.19
C LEU A 214 -7.18 6.66 8.59
N SER A 215 -5.95 6.24 8.88
CA SER A 215 -5.66 4.87 9.23
C SER A 215 -6.32 4.56 10.59
N GLU A 216 -6.07 5.39 11.60
CA GLU A 216 -6.68 5.24 12.91
C GLU A 216 -8.16 5.36 12.86
N THR A 217 -8.63 6.42 12.20
CA THR A 217 -10.05 6.79 12.30
C THR A 217 -10.93 5.81 11.59
N ASN A 218 -10.53 5.44 10.37
CA ASN A 218 -11.25 4.42 9.66
C ASN A 218 -11.30 3.05 10.40
N PHE A 219 -10.27 2.65 11.12
CA PHE A 219 -10.35 1.46 11.94
C PHE A 219 -11.42 1.59 13.02
N TYR A 220 -11.39 2.66 13.77
CA TYR A 220 -12.36 2.79 14.88
C TYR A 220 -13.78 2.96 14.37
N LEU A 221 -13.96 3.65 13.24
CA LEU A 221 -15.27 3.73 12.59
C LEU A 221 -15.69 2.36 12.11
N GLY A 222 -14.74 1.59 11.60
CA GLY A 222 -15.06 0.26 11.18
C GLY A 222 -15.50 -0.63 12.35
N LYS A 223 -14.86 -0.47 13.51
CA LYS A 223 -15.23 -1.22 14.71
C LYS A 223 -16.63 -0.83 15.21
N TYR A 224 -16.95 0.44 15.14
CA TYR A 224 -18.25 0.93 15.53
C TYR A 224 -19.32 0.30 14.66
N TYR A 225 -19.12 0.35 13.33
CA TYR A 225 -20.07 -0.25 12.44
C TYR A 225 -20.16 -1.76 12.62
N LEU A 226 -19.04 -2.40 12.82
CA LEU A 226 -19.03 -3.80 13.00
C LEU A 226 -19.81 -4.23 14.25
N SER A 227 -19.66 -3.48 15.32
CA SER A 227 -20.38 -3.76 16.56
C SER A 227 -21.92 -3.53 16.39
N LEU A 228 -22.35 -2.59 15.54
CA LEU A 228 -23.78 -2.52 15.10
C LEU A 228 -24.22 -3.60 14.13
N GLY A 229 -23.33 -4.48 13.67
CA GLY A 229 -23.72 -5.46 12.67
C GLY A 229 -23.78 -4.99 11.18
N ASP A 230 -23.17 -3.86 10.87
CA ASP A 230 -23.20 -3.34 9.52
C ASP A 230 -21.86 -3.74 8.92
N LEU A 231 -21.89 -4.88 8.34
CA LEU A 231 -20.65 -5.52 7.85
C LEU A 231 -20.13 -4.78 6.64
N ASP A 232 -21.06 -4.31 5.80
CA ASP A 232 -20.68 -3.64 4.59
C ASP A 232 -19.92 -2.32 4.91
N SER A 233 -20.48 -1.49 5.76
CA SER A 233 -19.78 -0.27 6.14
C SER A 233 -18.43 -0.63 6.80
N ALA A 234 -18.45 -1.63 7.72
CA ALA A 234 -17.25 -1.99 8.39
C ALA A 234 -16.14 -2.39 7.39
N THR A 235 -16.48 -3.26 6.45
CA THR A 235 -15.54 -3.79 5.53
C THR A 235 -14.95 -2.61 4.74
N ALA A 236 -15.79 -1.70 4.26
CA ALA A 236 -15.28 -0.56 3.51
C ALA A 236 -14.35 0.25 4.34
N LEU A 237 -14.69 0.49 5.61
CA LEU A 237 -13.90 1.31 6.51
C LEU A 237 -12.52 0.68 6.79
N PHE A 238 -12.52 -0.63 7.01
CA PHE A 238 -11.26 -1.35 7.28
C PHE A 238 -10.35 -1.29 6.02
N LYS A 239 -10.93 -1.38 4.84
CA LYS A 239 -10.12 -1.31 3.62
C LYS A 239 -9.60 0.13 3.45
N LEU A 240 -10.45 1.09 3.77
CA LEU A 240 -10.08 2.49 3.70
C LEU A 240 -8.97 2.80 4.69
N ALA A 241 -8.97 2.08 5.83
CA ALA A 241 -7.90 2.27 6.86
C ALA A 241 -6.57 1.75 6.28
N VAL A 242 -6.60 0.54 5.74
CA VAL A 242 -5.42 -0.15 5.21
C VAL A 242 -4.82 0.62 4.00
N ALA A 243 -5.67 1.27 3.20
CA ALA A 243 -5.32 1.94 1.95
C ALA A 243 -4.30 3.05 2.18
N ASN A 244 -4.23 3.53 3.42
CA ASN A 244 -3.25 4.50 3.84
C ASN A 244 -1.82 4.01 3.89
N ASN A 245 -1.63 2.71 3.95
CA ASN A 245 -0.31 2.09 4.03
C ASN A 245 0.47 2.51 5.27
N VAL A 246 -0.20 2.69 6.39
CA VAL A 246 0.54 2.99 7.61
C VAL A 246 0.85 1.67 8.28
N HIS A 247 1.86 0.96 7.73
CA HIS A 247 2.04 -0.47 8.02
C HIS A 247 2.23 -0.79 9.47
N ASN A 248 2.87 0.10 10.19
CA ASN A 248 3.19 -0.18 11.58
C ASN A 248 2.15 0.17 12.57
N PHE A 249 1.00 0.71 12.15
CA PHE A 249 -0.04 1.11 13.14
C PHE A 249 -0.82 -0.13 13.59
N VAL A 250 -1.09 -0.20 14.88
CA VAL A 250 -2.05 -1.13 15.45
C VAL A 250 -3.35 -1.21 14.62
N GLU A 251 -3.88 -0.04 14.27
CA GLU A 251 -5.12 0.08 13.53
C GLU A 251 -5.02 -0.51 12.13
N HIS A 252 -3.86 -0.39 11.52
CA HIS A 252 -3.58 -1.02 10.22
C HIS A 252 -3.54 -2.52 10.40
N ARG A 253 -2.74 -3.02 11.35
CA ARG A 253 -2.62 -4.45 11.54
C ARG A 253 -3.97 -5.09 11.81
N TYR A 254 -4.77 -4.45 12.66
CA TYR A 254 -6.04 -5.05 13.05
C TYR A 254 -7.18 -4.75 12.13
N ALA A 255 -7.08 -3.71 11.31
CA ALA A 255 -7.98 -3.61 10.17
C ALA A 255 -7.78 -4.80 9.21
N LEU A 256 -6.53 -5.13 8.96
CA LEU A 256 -6.20 -6.29 8.18
C LEU A 256 -6.72 -7.58 8.82
N LEU A 257 -6.56 -7.70 10.16
CA LEU A 257 -7.08 -8.86 10.87
C LEU A 257 -8.58 -8.92 10.75
N GLU A 258 -9.27 -7.79 10.96
CA GLU A 258 -10.72 -7.75 10.89
C GLU A 258 -11.21 -8.15 9.50
N LEU A 259 -10.46 -7.76 8.47
CA LEU A 259 -10.84 -8.00 7.13
C LEU A 259 -10.61 -9.46 6.84
N SER A 260 -9.61 -10.05 7.43
CA SER A 260 -9.42 -11.50 7.29
C SER A 260 -10.53 -12.26 8.03
N LEU A 261 -11.01 -11.80 9.16
CA LEU A 261 -12.16 -12.40 9.82
C LEU A 261 -13.45 -12.26 9.04
N LEU A 262 -13.67 -11.08 8.48
CA LEU A 262 -14.80 -10.85 7.57
C LEU A 262 -14.73 -11.69 6.29
N GLY A 263 -13.54 -11.92 5.76
CA GLY A 263 -13.36 -12.66 4.52
C GLY A 263 -13.53 -14.15 4.77
N GLN A 264 -13.07 -14.62 5.94
CA GLN A 264 -13.27 -16.01 6.38
C GLN A 264 -14.73 -16.38 6.37
N ASP A 265 -15.61 -15.46 6.78
CA ASP A 265 -17.07 -15.64 6.74
C ASP A 265 -17.64 -15.86 5.31
N SER B 4 -17.08 10.33 3.05
CA SER B 4 -18.59 10.04 3.20
C SER B 4 -19.15 9.07 2.05
N TRP B 5 -19.16 9.63 0.83
CA TRP B 5 -19.25 8.89 -0.45
C TRP B 5 -18.24 7.69 -0.54
N ARG B 6 -17.10 7.78 0.17
CA ARG B 6 -15.99 6.81 0.02
C ARG B 6 -16.42 5.39 0.50
N LYS B 7 -17.36 5.37 1.45
CA LYS B 7 -17.90 4.15 2.02
C LYS B 7 -18.75 3.37 0.97
N SER B 8 -19.23 4.06 -0.07
CA SER B 8 -20.01 3.46 -1.16
C SER B 8 -19.18 2.98 -2.36
N GLU B 9 -17.88 3.18 -2.30
CA GLU B 9 -17.03 2.80 -3.41
C GLU B 9 -16.90 1.25 -3.53
N VAL B 10 -16.48 0.76 -4.69
CA VAL B 10 -16.05 -0.62 -4.88
C VAL B 10 -14.59 -0.65 -4.45
N LEU B 11 -14.25 -1.46 -3.45
CA LEU B 11 -12.94 -1.44 -2.85
C LEU B 11 -12.37 -2.80 -2.65
N ALA B 12 -11.06 -2.92 -2.84
CA ALA B 12 -10.31 -4.09 -2.48
C ALA B 12 -9.57 -3.91 -1.18
N VAL B 13 -9.08 -5.02 -0.64
CA VAL B 13 -8.09 -4.95 0.44
C VAL B 13 -6.80 -4.59 -0.26
N PRO B 14 -6.16 -3.49 0.08
CA PRO B 14 -4.89 -3.16 -0.53
C PRO B 14 -3.92 -4.36 -0.52
N LEU B 15 -3.26 -4.58 -1.65
CA LEU B 15 -2.38 -5.68 -1.81
C LEU B 15 -1.22 -5.66 -0.83
N GLN B 16 -0.88 -6.84 -0.31
CA GLN B 16 0.19 -7.01 0.66
C GLN B 16 1.27 -7.94 0.08
N PRO B 17 2.53 -7.77 0.49
CA PRO B 17 3.53 -8.74 0.10
C PRO B 17 3.02 -10.16 0.46
N THR B 18 3.29 -11.15 -0.37
CA THR B 18 3.05 -12.55 0.01
C THR B 18 4.24 -13.11 0.71
N LEU B 19 3.98 -14.17 1.47
CA LEU B 19 5.01 -14.93 2.14
C LEU B 19 6.03 -15.43 1.14
N GLN B 20 5.58 -15.97 0.02
CA GLN B 20 6.48 -16.55 -1.00
C GLN B 20 7.42 -15.45 -1.52
N GLN B 21 6.87 -14.24 -1.71
CA GLN B 21 7.68 -13.15 -2.17
C GLN B 21 8.72 -12.81 -1.15
N GLU B 22 8.34 -12.83 0.11
CA GLU B 22 9.28 -12.54 1.19
C GLU B 22 10.35 -13.65 1.37
N VAL B 23 9.94 -14.91 1.27
CA VAL B 23 10.85 -16.05 1.26
C VAL B 23 11.85 -15.93 0.14
N ILE B 24 11.39 -15.57 -1.07
CA ILE B 24 12.29 -15.46 -2.21
C ILE B 24 13.31 -14.32 -1.96
N LEU B 25 12.85 -13.18 -1.46
CA LEU B 25 13.80 -12.10 -1.23
C LEU B 25 14.83 -12.52 -0.21
N ALA B 26 14.42 -13.18 0.87
CA ALA B 26 15.36 -13.66 1.90
C ALA B 26 16.41 -14.59 1.27
N ARG B 27 15.99 -15.49 0.38
CA ARG B 27 16.96 -16.42 -0.24
C ARG B 27 17.86 -15.64 -1.18
N MSE B 28 17.31 -14.67 -1.88
CA MSE B 28 18.14 -13.93 -2.82
C MSE B 28 19.27 -13.18 -2.12
O MSE B 28 20.37 -13.09 -2.65
CB MSE B 28 17.31 -12.98 -3.61
CG MSE B 28 16.34 -13.70 -4.53
SE MSE B 28 15.18 -12.27 -5.39
CE MSE B 28 14.57 -13.20 -7.09
N GLU B 29 18.98 -12.66 -0.94
CA GLU B 29 19.97 -11.98 -0.16
C GLU B 29 21.15 -12.93 0.16
N GLN B 30 20.82 -14.17 0.47
CA GLN B 30 21.85 -15.14 0.84
C GLN B 30 22.69 -15.54 -0.36
N ILE B 31 22.08 -15.78 -1.52
CA ILE B 31 22.80 -16.19 -2.73
C ILE B 31 23.71 -15.06 -3.22
N LEU B 32 23.16 -13.86 -3.26
CA LEU B 32 23.94 -12.68 -3.63
C LEU B 32 25.10 -12.46 -2.65
N ALA B 33 24.91 -12.80 -1.38
CA ALA B 33 25.98 -12.62 -0.41
C ALA B 33 27.13 -13.65 -0.61
N SER B 34 26.82 -14.77 -1.24
CA SER B 34 27.81 -15.82 -1.45
C SER B 34 28.75 -15.53 -2.64
N ARG B 35 29.86 -16.24 -2.67
CA ARG B 35 30.95 -15.97 -3.60
C ARG B 35 30.86 -16.88 -4.84
N ALA B 36 29.74 -17.62 -4.93
CA ALA B 36 29.59 -18.73 -5.88
C ALA B 36 28.72 -18.39 -7.09
N LEU B 37 28.78 -17.14 -7.57
CA LEU B 37 28.03 -16.76 -8.75
C LEU B 37 28.97 -16.17 -9.81
N THR B 38 28.83 -16.64 -11.04
CA THR B 38 29.49 -16.00 -12.17
C THR B 38 28.82 -14.68 -12.44
N ASP B 39 29.53 -13.80 -13.13
CA ASP B 39 28.97 -12.51 -13.44
C ASP B 39 27.60 -12.62 -14.15
N ASP B 40 27.51 -13.48 -15.17
CA ASP B 40 26.22 -13.65 -15.82
C ASP B 40 25.12 -14.12 -14.86
N GLU B 41 25.43 -15.03 -13.95
CA GLU B 41 24.43 -15.51 -12.97
C GLU B 41 24.06 -14.42 -11.97
N ARG B 42 25.03 -13.56 -11.66
CA ARG B 42 24.84 -12.42 -10.77
C ARG B 42 23.99 -11.34 -11.39
N ALA B 43 24.27 -11.02 -12.64
CA ALA B 43 23.61 -9.93 -13.32
C ALA B 43 22.15 -10.32 -13.40
N GLN B 44 21.90 -11.56 -13.78
CA GLN B 44 20.59 -12.17 -13.87
C GLN B 44 19.83 -12.11 -12.55
N LEU B 45 20.48 -12.51 -11.47
CA LEU B 45 19.84 -12.57 -10.16
C LEU B 45 19.54 -11.17 -9.65
N LEU B 46 20.47 -10.25 -9.86
CA LEU B 46 20.23 -8.85 -9.53
C LEU B 46 19.05 -8.31 -10.36
N TYR B 47 19.00 -8.60 -11.64
CA TYR B 47 17.80 -8.20 -12.39
C TYR B 47 16.51 -8.78 -11.77
N GLU B 48 16.53 -10.06 -11.45
CA GLU B 48 15.34 -10.66 -10.90
C GLU B 48 14.90 -10.03 -9.58
N ARG B 49 15.86 -9.70 -8.74
CA ARG B 49 15.53 -9.13 -7.48
C ARG B 49 14.95 -7.75 -7.76
N GLY B 50 15.47 -7.09 -8.77
CA GLY B 50 15.00 -5.75 -9.09
C GLY B 50 13.56 -5.77 -9.53
N VAL B 51 13.22 -6.72 -10.39
CA VAL B 51 11.82 -6.91 -10.77
C VAL B 51 10.96 -7.17 -9.51
N LEU B 52 11.40 -8.03 -8.60
CA LEU B 52 10.60 -8.32 -7.41
C LEU B 52 10.42 -7.06 -6.54
N TYR B 53 11.49 -6.34 -6.30
CA TYR B 53 11.40 -5.13 -5.46
C TYR B 53 10.50 -4.10 -6.09
N ASP B 54 10.58 -3.92 -7.43
CA ASP B 54 9.68 -3.01 -8.13
C ASP B 54 8.21 -3.40 -7.92
N SER B 55 7.95 -4.70 -8.04
CA SER B 55 6.65 -5.24 -7.87
C SER B 55 6.13 -5.02 -6.44
N LEU B 56 7.02 -4.75 -5.48
CA LEU B 56 6.67 -4.55 -4.13
C LEU B 56 6.63 -3.07 -3.79
N GLY B 57 6.91 -2.24 -4.81
CA GLY B 57 6.89 -0.80 -4.63
C GLY B 57 8.21 -0.23 -4.14
N LEU B 58 9.27 -1.04 -4.07
CA LEU B 58 10.55 -0.57 -3.60
C LEU B 58 11.44 -0.25 -4.83
N ARG B 59 11.12 0.86 -5.48
CA ARG B 59 11.69 1.18 -6.78
C ARG B 59 13.12 1.66 -6.74
N ALA B 60 13.52 2.26 -5.61
CA ALA B 60 14.90 2.64 -5.43
C ALA B 60 15.81 1.41 -5.21
N LEU B 61 15.36 0.46 -4.42
CA LEU B 61 16.09 -0.80 -4.25
C LEU B 61 16.11 -1.56 -5.58
N ALA B 62 15.03 -1.44 -6.36
CA ALA B 62 15.02 -2.07 -7.68
C ALA B 62 16.05 -1.42 -8.58
N ARG B 63 16.02 -0.10 -8.61
CA ARG B 63 16.97 0.66 -9.43
C ARG B 63 18.42 0.29 -9.08
N ASN B 64 18.73 0.20 -7.79
CA ASN B 64 20.08 -0.13 -7.29
C ASN B 64 20.49 -1.48 -7.90
N ASP B 65 19.62 -2.47 -7.85
CA ASP B 65 19.88 -3.80 -8.42
C ASP B 65 20.02 -3.81 -9.98
N PHE B 66 19.14 -3.08 -10.64
CA PHE B 66 19.17 -3.05 -12.09
C PHE B 66 20.51 -2.48 -12.55
N SER B 67 20.92 -1.40 -11.90
CA SER B 67 22.12 -0.65 -12.27
C SER B 67 23.36 -1.51 -12.02
N GLN B 68 23.37 -2.21 -10.89
CA GLN B 68 24.47 -3.12 -10.60
C GLN B 68 24.55 -4.25 -11.64
N ALA B 69 23.41 -4.77 -12.09
CA ALA B 69 23.38 -5.81 -13.10
C ALA B 69 23.90 -5.24 -14.44
N LEU B 70 23.44 -4.04 -14.80
CA LEU B 70 23.86 -3.41 -16.04
C LEU B 70 25.39 -3.19 -16.13
N ALA B 71 26.00 -2.83 -15.01
CA ALA B 71 27.46 -2.63 -14.91
C ALA B 71 28.25 -3.95 -15.07
N ILE B 72 27.64 -5.05 -14.68
CA ILE B 72 28.16 -6.38 -14.92
C ILE B 72 27.92 -6.82 -16.39
N ARG B 73 26.75 -6.53 -16.93
CA ARG B 73 26.36 -7.02 -18.25
C ARG B 73 25.62 -5.90 -18.98
N PRO B 74 26.35 -5.17 -19.81
CA PRO B 74 25.82 -3.97 -20.50
C PRO B 74 24.68 -4.25 -21.48
N ASP B 75 24.59 -5.49 -21.95
CA ASP B 75 23.62 -5.80 -22.96
C ASP B 75 22.31 -6.20 -22.33
N MSE B 76 21.62 -5.24 -21.74
CA MSE B 76 20.39 -5.55 -20.98
C MSE B 76 19.38 -4.48 -21.26
O MSE B 76 19.22 -3.52 -20.48
CB MSE B 76 20.68 -5.59 -19.46
CG MSE B 76 21.60 -6.70 -19.07
SE MSE B 76 21.88 -6.84 -17.09
CE MSE B 76 20.28 -8.13 -16.90
N PRO B 77 18.70 -4.62 -22.40
CA PRO B 77 17.60 -3.73 -22.74
C PRO B 77 16.55 -3.69 -21.62
N GLU B 78 16.29 -4.86 -21.02
CA GLU B 78 15.31 -5.06 -19.94
C GLU B 78 15.60 -4.06 -18.81
N VAL B 79 16.88 -3.81 -18.52
CA VAL B 79 17.24 -2.88 -17.47
C VAL B 79 16.98 -1.44 -17.91
N PHE B 80 17.39 -1.07 -19.12
CA PHE B 80 17.23 0.32 -19.57
C PHE B 80 15.72 0.63 -19.62
N ASN B 81 14.91 -0.36 -19.91
CA ASN B 81 13.46 -0.22 -19.89
C ASN B 81 12.93 0.26 -18.53
N TYR B 82 13.21 -0.49 -17.47
CA TYR B 82 12.94 -0.07 -16.10
C TYR B 82 13.52 1.29 -15.78
N LEU B 83 14.73 1.56 -16.21
CA LEU B 83 15.39 2.82 -15.88
C LEU B 83 14.62 3.98 -16.54
N GLY B 84 14.14 3.78 -17.78
CA GLY B 84 13.33 4.78 -18.45
C GLY B 84 11.96 4.99 -17.76
N ILE B 85 11.38 3.91 -17.27
CA ILE B 85 10.10 4.01 -16.52
C ILE B 85 10.33 4.89 -15.29
N TYR B 86 11.43 4.65 -14.61
CA TYR B 86 11.68 5.36 -13.37
C TYR B 86 11.97 6.81 -13.64
N LEU B 87 12.66 7.11 -14.72
CA LEU B 87 12.88 8.47 -15.13
C LEU B 87 11.54 9.15 -15.45
N THR B 88 10.65 8.44 -16.13
CA THR B 88 9.33 9.02 -16.39
C THR B 88 8.62 9.30 -15.08
N GLN B 89 8.64 8.35 -14.15
CA GLN B 89 7.96 8.53 -12.88
C GLN B 89 8.50 9.72 -12.15
N ALA B 90 9.79 9.99 -12.33
CA ALA B 90 10.44 11.14 -11.72
C ALA B 90 10.18 12.48 -12.48
N GLY B 91 9.55 12.45 -13.65
CA GLY B 91 9.34 13.66 -14.44
C GLY B 91 10.50 14.04 -15.34
N ASN B 92 11.54 13.20 -15.37
CA ASN B 92 12.67 13.45 -16.28
C ASN B 92 12.47 12.82 -17.68
N PHE B 93 11.58 13.44 -18.44
CA PHE B 93 11.14 12.80 -19.67
C PHE B 93 12.32 12.75 -20.67
N ASP B 94 13.08 13.83 -20.80
CA ASP B 94 14.23 13.82 -21.72
C ASP B 94 15.13 12.61 -21.49
N ALA B 95 15.47 12.37 -20.24
CA ALA B 95 16.38 11.27 -19.93
C ALA B 95 15.67 9.92 -20.15
N ALA B 96 14.36 9.88 -19.90
CA ALA B 96 13.60 8.71 -20.19
C ALA B 96 13.69 8.39 -21.69
N TYR B 97 13.55 9.37 -22.56
CA TYR B 97 13.63 9.10 -24.00
C TYR B 97 14.97 8.43 -24.35
N GLU B 98 16.05 8.93 -23.76
CA GLU B 98 17.39 8.44 -24.03
C GLU B 98 17.51 6.97 -23.53
N ALA B 99 16.86 6.64 -22.40
CA ALA B 99 16.87 5.26 -21.90
C ALA B 99 16.14 4.32 -22.82
N PHE B 100 15.00 4.73 -23.36
CA PHE B 100 14.24 3.88 -24.23
C PHE B 100 14.92 3.81 -25.57
N ASP B 101 15.51 4.90 -26.03
CA ASP B 101 16.39 4.86 -27.23
C ASP B 101 17.48 3.79 -27.03
N SER B 102 18.06 3.71 -25.83
CA SER B 102 19.08 2.70 -25.57
C SER B 102 18.51 1.30 -25.64
N VAL B 103 17.30 1.11 -25.11
CA VAL B 103 16.62 -0.17 -25.17
C VAL B 103 16.55 -0.65 -26.65
N LEU B 104 16.03 0.22 -27.49
CA LEU B 104 15.71 -0.14 -28.85
C LEU B 104 16.95 -0.30 -29.74
N GLU B 105 18.03 0.41 -29.40
CA GLU B 105 19.32 0.24 -30.08
C GLU B 105 19.89 -1.15 -29.72
N LEU B 106 19.79 -1.56 -28.44
CA LEU B 106 20.28 -2.89 -28.05
C LEU B 106 19.39 -3.98 -28.62
N ASP B 107 18.11 -3.70 -28.66
CA ASP B 107 17.17 -4.69 -29.09
C ASP B 107 15.96 -3.97 -29.66
N PRO B 108 15.93 -3.77 -30.96
CA PRO B 108 14.75 -3.16 -31.60
C PRO B 108 13.41 -3.97 -31.47
N THR B 109 13.41 -5.20 -31.01
CA THR B 109 12.16 -5.97 -30.82
C THR B 109 11.62 -5.88 -29.38
N TYR B 110 12.25 -5.08 -28.51
CA TYR B 110 11.84 -5.00 -27.12
C TYR B 110 10.74 -3.96 -27.05
N ASN B 111 9.61 -4.42 -27.55
CA ASN B 111 8.31 -3.77 -27.69
C ASN B 111 7.87 -2.77 -26.65
N TYR B 112 8.01 -3.18 -25.40
CA TYR B 112 7.53 -2.40 -24.30
C TYR B 112 8.18 -1.04 -24.27
N ALA B 113 9.34 -0.91 -24.88
CA ALA B 113 9.96 0.39 -24.95
C ALA B 113 9.14 1.39 -25.77
N HIS B 114 8.40 0.89 -26.75
CA HIS B 114 7.48 1.76 -27.48
C HIS B 114 6.36 2.23 -26.55
N LEU B 115 5.77 1.31 -25.79
CA LEU B 115 4.73 1.69 -24.85
C LEU B 115 5.29 2.73 -23.91
N ASN B 116 6.44 2.42 -23.31
CA ASN B 116 6.94 3.23 -22.23
C ASN B 116 7.49 4.55 -22.77
N ARG B 117 8.09 4.55 -23.96
CA ARG B 117 8.56 5.81 -24.54
C ARG B 117 7.37 6.69 -24.97
N GLY B 118 6.32 6.03 -25.46
CA GLY B 118 5.09 6.72 -25.74
C GLY B 118 4.45 7.43 -24.57
N ILE B 119 4.42 6.74 -23.45
CA ILE B 119 3.85 7.31 -22.20
C ILE B 119 4.72 8.48 -21.80
N ALA B 120 6.03 8.31 -21.85
CA ALA B 120 6.96 9.36 -21.51
C ALA B 120 6.78 10.60 -22.40
N LEU B 121 6.60 10.39 -23.68
CA LEU B 121 6.37 11.48 -24.59
C LEU B 121 5.05 12.19 -24.33
N TYR B 122 4.04 11.40 -23.95
CA TYR B 122 2.73 11.93 -23.58
C TYR B 122 2.91 12.87 -22.42
N TYR B 123 3.56 12.39 -21.36
CA TYR B 123 3.68 13.20 -20.16
C TYR B 123 4.61 14.37 -20.45
N GLY B 124 5.55 14.15 -21.36
CA GLY B 124 6.41 15.18 -21.89
C GLY B 124 5.78 16.15 -22.86
N GLY B 125 4.50 16.08 -23.14
CA GLY B 125 3.85 17.09 -23.99
C GLY B 125 4.10 16.95 -25.51
N ARG B 126 4.61 15.79 -25.89
CA ARG B 126 4.96 15.55 -27.27
C ARG B 126 3.96 14.59 -27.89
N ASP B 127 2.74 15.07 -28.06
CA ASP B 127 1.63 14.21 -28.38
C ASP B 127 1.80 13.47 -29.70
N LYS B 128 2.26 14.15 -30.74
CA LYS B 128 2.42 13.52 -32.06
C LYS B 128 3.45 12.36 -32.02
N LEU B 129 4.58 12.60 -31.43
CA LEU B 129 5.57 11.56 -31.28
C LEU B 129 5.11 10.39 -30.39
N ALA B 130 4.30 10.70 -29.39
CA ALA B 130 3.76 9.68 -28.49
C ALA B 130 2.88 8.76 -29.31
N GLN B 131 2.08 9.34 -30.20
CA GLN B 131 1.20 8.59 -31.05
C GLN B 131 1.99 7.63 -31.92
N ASP B 132 3.14 8.06 -32.48
CA ASP B 132 3.98 7.14 -33.28
C ASP B 132 4.39 5.90 -32.47
N ASP B 133 4.87 6.13 -31.26
CA ASP B 133 5.22 4.96 -30.42
C ASP B 133 4.04 4.15 -29.97
N LEU B 134 2.95 4.81 -29.58
CA LEU B 134 1.79 4.08 -29.09
C LEU B 134 1.05 3.38 -30.20
N LEU B 135 1.10 3.93 -31.41
CA LEU B 135 0.58 3.24 -32.59
C LEU B 135 1.43 2.02 -32.87
N ALA B 136 2.75 2.17 -32.83
CA ALA B 136 3.60 1.01 -33.03
C ALA B 136 3.32 -0.10 -32.04
N PHE B 137 3.16 0.27 -30.79
CA PHE B 137 2.79 -0.70 -29.76
C PHE B 137 1.42 -1.30 -29.99
N TYR B 138 0.43 -0.46 -30.30
CA TYR B 138 -0.93 -0.95 -30.60
C TYR B 138 -0.84 -2.02 -31.69
N GLN B 139 -0.08 -1.75 -32.73
CA GLN B 139 -0.03 -2.64 -33.89
C GLN B 139 0.47 -4.08 -33.55
N ASP B 140 1.25 -4.20 -32.51
CA ASP B 140 1.77 -5.50 -32.05
C ASP B 140 0.70 -6.28 -31.32
N ASP B 141 -0.34 -5.59 -30.82
CA ASP B 141 -1.46 -6.29 -30.21
C ASP B 141 -2.74 -5.48 -30.08
N PRO B 142 -3.47 -5.38 -31.18
CA PRO B 142 -4.66 -4.53 -31.26
C PRO B 142 -5.81 -4.99 -30.40
N ASN B 143 -5.73 -6.25 -29.91
CA ASN B 143 -6.74 -6.77 -28.97
C ASN B 143 -6.54 -6.37 -27.51
N ASP B 144 -5.43 -5.71 -27.23
CA ASP B 144 -5.10 -5.30 -25.89
C ASP B 144 -5.73 -3.87 -25.70
N PRO B 145 -6.85 -3.77 -24.95
CA PRO B 145 -7.57 -2.50 -24.83
C PRO B 145 -6.74 -1.39 -24.27
N PHE B 146 -5.76 -1.73 -23.44
CA PHE B 146 -4.92 -0.71 -22.84
C PHE B 146 -4.08 -0.01 -23.86
N ARG B 147 -3.74 -0.72 -24.95
CA ARG B 147 -2.99 -0.04 -26.02
C ARG B 147 -3.84 1.01 -26.78
N SER B 148 -5.12 0.76 -26.96
CA SER B 148 -6.04 1.70 -27.51
C SER B 148 -6.34 2.86 -26.55
N LEU B 149 -6.37 2.57 -25.25
CA LEU B 149 -6.65 3.60 -24.31
C LEU B 149 -5.52 4.57 -24.35
N TRP B 150 -4.29 4.04 -24.39
CA TRP B 150 -3.13 4.97 -24.38
C TRP B 150 -3.02 5.75 -25.67
N LEU B 151 -3.35 5.13 -26.79
CA LEU B 151 -3.34 5.85 -28.07
C LEU B 151 -4.40 6.96 -28.04
N TYR B 152 -5.58 6.66 -27.44
CA TYR B 152 -6.65 7.63 -27.28
C TYR B 152 -6.18 8.78 -26.41
N LEU B 153 -5.47 8.46 -25.34
CA LEU B 153 -5.08 9.55 -24.44
C LEU B 153 -4.16 10.50 -25.19
N ALA B 154 -3.24 9.92 -25.96
CA ALA B 154 -2.25 10.71 -26.70
C ALA B 154 -2.84 11.53 -27.85
N GLU B 155 -3.99 11.14 -28.37
CA GLU B 155 -4.70 11.89 -29.46
C GLU B 155 -5.71 12.88 -28.87
N GLN B 156 -6.19 12.64 -27.65
CA GLN B 156 -7.31 13.47 -27.19
C GLN B 156 -7.07 14.94 -26.88
N LYS B 157 -5.84 15.37 -26.65
CA LYS B 157 -5.71 16.79 -26.30
C LYS B 157 -5.83 17.60 -27.58
N LEU B 158 -5.24 17.04 -28.66
CA LEU B 158 -5.20 17.63 -30.02
C LEU B 158 -6.51 17.63 -30.78
N ASP B 159 -7.23 16.51 -30.72
CA ASP B 159 -8.45 16.32 -31.44
C ASP B 159 -9.27 15.22 -30.80
N GLU B 160 -10.05 15.58 -29.81
CA GLU B 160 -10.80 14.63 -29.00
C GLU B 160 -11.83 13.92 -29.82
N LYS B 161 -12.45 14.66 -30.73
CA LYS B 161 -13.44 14.08 -31.62
C LYS B 161 -12.79 12.98 -32.41
N GLN B 162 -11.68 13.26 -33.05
CA GLN B 162 -10.99 12.24 -33.82
C GLN B 162 -10.45 11.08 -32.98
N ALA B 163 -9.83 11.39 -31.86
CA ALA B 163 -9.45 10.38 -30.83
C ALA B 163 -10.57 9.40 -30.50
N LYS B 164 -11.79 9.87 -30.29
CA LYS B 164 -12.91 8.98 -29.97
C LYS B 164 -13.33 8.17 -31.15
N GLU B 165 -13.27 8.78 -32.36
CA GLU B 165 -13.57 8.04 -33.58
C GLU B 165 -12.57 6.90 -33.80
N VAL B 166 -11.32 7.17 -33.53
CA VAL B 166 -10.26 6.16 -33.64
C VAL B 166 -10.45 5.10 -32.61
N LEU B 167 -10.77 5.51 -31.41
CA LEU B 167 -10.95 4.55 -30.34
C LEU B 167 -12.12 3.63 -30.62
N LYS B 168 -13.17 4.22 -31.14
CA LYS B 168 -14.36 3.46 -31.58
C LYS B 168 -13.97 2.42 -32.62
N GLN B 169 -13.18 2.82 -33.59
CA GLN B 169 -12.72 1.92 -34.64
C GLN B 169 -11.86 0.82 -34.03
N HIS B 170 -10.98 1.17 -33.07
CA HIS B 170 -10.15 0.16 -32.48
C HIS B 170 -11.00 -0.87 -31.70
N PHE B 171 -12.01 -0.39 -30.98
CA PHE B 171 -12.87 -1.23 -30.19
C PHE B 171 -13.57 -2.19 -31.19
N GLU B 172 -14.05 -1.64 -32.29
CA GLU B 172 -14.90 -2.39 -33.23
C GLU B 172 -14.13 -3.47 -33.96
N LYS B 173 -12.86 -3.18 -34.22
CA LYS B 173 -11.96 -4.15 -34.85
C LYS B 173 -11.54 -5.25 -33.90
N SER B 174 -11.48 -4.92 -32.61
CA SER B 174 -10.95 -5.85 -31.63
C SER B 174 -11.91 -7.00 -31.46
N ASP B 175 -11.41 -8.05 -30.82
CA ASP B 175 -12.23 -9.19 -30.43
C ASP B 175 -13.12 -8.93 -29.19
N LYS B 176 -12.92 -7.80 -28.56
CA LYS B 176 -13.77 -7.32 -27.44
C LYS B 176 -13.76 -8.24 -26.22
N GLU B 177 -12.72 -9.08 -26.09
CA GLU B 177 -12.73 -10.15 -25.09
C GLU B 177 -12.15 -9.69 -23.78
N GLN B 178 -11.10 -8.90 -23.82
CA GLN B 178 -10.42 -8.56 -22.61
C GLN B 178 -11.25 -7.52 -21.85
N TRP B 179 -11.21 -7.61 -20.54
CA TRP B 179 -12.07 -6.85 -19.69
C TRP B 179 -11.92 -5.33 -19.91
N GLY B 180 -10.70 -4.87 -20.23
CA GLY B 180 -10.40 -3.44 -20.31
C GLY B 180 -11.15 -2.75 -21.44
N TRP B 181 -11.73 -3.51 -22.36
CA TRP B 181 -12.59 -2.88 -23.35
C TRP B 181 -13.80 -2.19 -22.70
N ASN B 182 -14.19 -2.65 -21.51
CA ASN B 182 -15.22 -1.96 -20.72
C ASN B 182 -14.85 -0.55 -20.42
N ILE B 183 -13.57 -0.30 -20.12
CA ILE B 183 -13.12 1.03 -19.85
C ILE B 183 -13.24 1.85 -21.13
N VAL B 184 -12.89 1.22 -22.24
CA VAL B 184 -13.06 1.80 -23.57
C VAL B 184 -14.55 2.15 -23.82
N GLU B 185 -15.47 1.25 -23.50
CA GLU B 185 -16.87 1.59 -23.74
C GLU B 185 -17.31 2.75 -22.90
N PHE B 186 -16.79 2.86 -21.68
CA PHE B 186 -17.13 4.01 -20.86
C PHE B 186 -16.58 5.29 -21.53
N TYR B 187 -15.36 5.26 -21.99
CA TYR B 187 -14.77 6.40 -22.67
C TYR B 187 -15.58 6.83 -23.94
N LEU B 188 -16.19 5.88 -24.63
CA LEU B 188 -16.95 6.14 -25.82
C LEU B 188 -18.33 6.67 -25.50
N GLY B 189 -18.75 6.61 -24.23
CA GLY B 189 -20.04 6.97 -23.81
C GLY B 189 -21.10 5.91 -24.00
N ASN B 190 -20.73 4.67 -24.26
CA ASN B 190 -21.67 3.60 -24.50
C ASN B 190 -22.36 3.10 -23.22
N ILE B 191 -21.63 3.17 -22.07
CA ILE B 191 -22.09 2.70 -20.80
C ILE B 191 -21.90 3.74 -19.73
N SER B 192 -22.72 3.68 -18.71
CA SER B 192 -22.52 4.50 -17.56
C SER B 192 -21.35 4.03 -16.70
N GLU B 193 -20.92 4.90 -15.82
CA GLU B 193 -19.87 4.52 -14.88
C GLU B 193 -20.40 3.44 -13.95
N GLN B 194 -21.68 3.51 -13.60
CA GLN B 194 -22.28 2.44 -12.79
C GLN B 194 -22.17 1.07 -13.48
N THR B 195 -22.44 1.04 -14.76
CA THR B 195 -22.36 -0.20 -15.50
C THR B 195 -20.90 -0.69 -15.50
N LEU B 196 -19.94 0.23 -15.64
CA LEU B 196 -18.56 -0.17 -15.66
C LEU B 196 -18.14 -0.78 -14.33
N MSE B 197 -18.53 -0.17 -13.20
CA MSE B 197 -18.19 -0.69 -11.89
C MSE B 197 -18.88 -2.04 -11.61
O MSE B 197 -18.34 -2.90 -10.88
CB MSE B 197 -18.59 0.29 -10.81
CG MSE B 197 -17.88 1.66 -10.96
SE MSE B 197 -15.91 1.44 -11.25
CE MSE B 197 -15.76 0.77 -9.70
N GLU B 198 -20.12 -2.19 -12.06
CA GLU B 198 -20.76 -3.44 -11.91
C GLU B 198 -19.98 -4.54 -12.64
N ARG B 199 -19.57 -4.24 -13.86
CA ARG B 199 -18.88 -5.20 -14.70
C ARG B 199 -17.53 -5.55 -14.07
N LEU B 200 -16.94 -4.59 -13.40
CA LEU B 200 -15.68 -4.82 -12.77
C LEU B 200 -15.82 -5.76 -11.57
N LYS B 201 -16.82 -5.54 -10.71
CA LYS B 201 -16.99 -6.41 -9.56
C LYS B 201 -17.36 -7.84 -10.00
N ALA B 202 -18.16 -7.91 -11.04
CA ALA B 202 -18.61 -9.17 -11.58
C ALA B 202 -17.43 -9.99 -12.16
N ASP B 203 -16.47 -9.33 -12.74
CA ASP B 203 -15.35 -10.01 -13.36
C ASP B 203 -14.30 -10.49 -12.38
N ALA B 204 -14.05 -9.70 -11.35
CA ALA B 204 -13.06 -10.05 -10.30
C ALA B 204 -13.54 -11.25 -9.48
N THR B 205 -12.65 -12.17 -9.17
CA THR B 205 -12.99 -13.39 -8.42
C THR B 205 -12.21 -13.60 -7.19
N ASP B 206 -11.31 -12.68 -6.91
CA ASP B 206 -10.60 -12.70 -5.69
C ASP B 206 -10.02 -11.31 -5.47
N ASN B 207 -9.36 -11.15 -4.36
CA ASN B 207 -8.99 -9.81 -3.98
C ASN B 207 -7.96 -9.24 -4.92
N THR B 208 -7.04 -10.10 -5.39
CA THR B 208 -6.05 -9.54 -6.29
C THR B 208 -6.59 -9.16 -7.66
N SER B 209 -7.44 -9.95 -8.25
CA SER B 209 -8.03 -9.54 -9.52
C SER B 209 -8.84 -8.18 -9.31
N LEU B 210 -9.50 -8.06 -8.17
CA LEU B 210 -10.32 -6.87 -7.82
C LEU B 210 -9.41 -5.66 -7.73
N ALA B 211 -8.33 -5.81 -6.98
CA ALA B 211 -7.36 -4.74 -6.81
C ALA B 211 -6.79 -4.33 -8.14
N GLU B 212 -6.40 -5.28 -8.97
CA GLU B 212 -5.81 -4.95 -10.25
C GLU B 212 -6.85 -4.26 -11.14
N HIS B 213 -8.11 -4.71 -11.20
CA HIS B 213 -9.10 -3.97 -12.00
C HIS B 213 -9.31 -2.55 -11.50
N LEU B 214 -9.29 -2.37 -10.17
CA LEU B 214 -9.55 -1.06 -9.63
C LEU B 214 -8.39 -0.16 -9.86
N SER B 215 -7.20 -0.74 -9.90
CA SER B 215 -6.01 0.12 -10.11
C SER B 215 -6.10 0.68 -11.55
N GLU B 216 -6.40 -0.19 -12.53
CA GLU B 216 -6.48 0.25 -13.94
C GLU B 216 -7.65 1.20 -14.13
N THR B 217 -8.78 0.77 -13.63
CA THR B 217 -10.02 1.46 -13.94
C THR B 217 -10.05 2.84 -13.27
N ASN B 218 -9.66 2.91 -12.01
CA ASN B 218 -9.69 4.21 -11.37
C ASN B 218 -8.67 5.17 -12.01
N PHE B 219 -7.58 4.67 -12.55
CA PHE B 219 -6.68 5.56 -13.26
C PHE B 219 -7.35 6.09 -14.55
N TYR B 220 -8.00 5.24 -15.34
CA TYR B 220 -8.60 5.73 -16.56
C TYR B 220 -9.79 6.67 -16.22
N LEU B 221 -10.55 6.37 -15.15
CA LEU B 221 -11.65 7.25 -14.78
C LEU B 221 -11.03 8.55 -14.38
N GLY B 222 -9.92 8.48 -13.65
CA GLY B 222 -9.26 9.70 -13.22
C GLY B 222 -8.88 10.60 -14.39
N LYS B 223 -8.33 10.01 -15.42
CA LYS B 223 -7.88 10.79 -16.59
C LYS B 223 -9.13 11.38 -17.27
N TYR B 224 -10.25 10.64 -17.32
CA TYR B 224 -11.48 11.10 -17.93
C TYR B 224 -12.02 12.34 -17.26
N TYR B 225 -12.08 12.31 -15.94
CA TYR B 225 -12.53 13.42 -15.17
C TYR B 225 -11.56 14.56 -15.21
N LEU B 226 -10.27 14.25 -15.18
CA LEU B 226 -9.25 15.30 -15.28
C LEU B 226 -9.42 16.07 -16.59
N SER B 227 -9.67 15.37 -17.69
CA SER B 227 -9.75 16.01 -18.96
C SER B 227 -11.06 16.81 -19.13
N LEU B 228 -12.10 16.47 -18.36
CA LEU B 228 -13.26 17.34 -18.18
C LEU B 228 -13.01 18.56 -17.30
N GLY B 229 -11.88 18.64 -16.62
CA GLY B 229 -11.61 19.73 -15.68
C GLY B 229 -12.15 19.49 -14.25
N ASP B 230 -12.61 18.27 -13.95
CA ASP B 230 -13.09 17.94 -12.59
C ASP B 230 -11.94 17.39 -11.73
N LEU B 231 -11.18 18.31 -11.19
CA LEU B 231 -9.97 18.03 -10.46
C LEU B 231 -10.23 17.25 -9.20
N ASP B 232 -11.37 17.50 -8.55
CA ASP B 232 -11.70 16.81 -7.31
C ASP B 232 -12.01 15.36 -7.58
N SER B 233 -12.81 15.05 -8.58
CA SER B 233 -13.06 13.66 -8.89
C SER B 233 -11.81 12.99 -9.35
N ALA B 234 -11.04 13.64 -10.24
CA ALA B 234 -9.79 13.03 -10.73
C ALA B 234 -8.90 12.67 -9.57
N THR B 235 -8.71 13.60 -8.66
CA THR B 235 -7.86 13.38 -7.53
C THR B 235 -8.24 12.15 -6.68
N ALA B 236 -9.53 12.10 -6.32
CA ALA B 236 -10.09 11.00 -5.59
C ALA B 236 -9.86 9.69 -6.33
N LEU B 237 -10.08 9.69 -7.63
CA LEU B 237 -9.91 8.48 -8.41
C LEU B 237 -8.48 8.04 -8.52
N PHE B 238 -7.52 8.95 -8.64
CA PHE B 238 -6.12 8.53 -8.67
C PHE B 238 -5.69 7.93 -7.33
N LYS B 239 -6.15 8.56 -6.24
CA LYS B 239 -5.87 8.03 -4.92
C LYS B 239 -6.47 6.63 -4.74
N LEU B 240 -7.69 6.46 -5.20
CA LEU B 240 -8.37 5.19 -5.16
C LEU B 240 -7.61 4.19 -6.01
N ALA B 241 -7.06 4.62 -7.15
CA ALA B 241 -6.25 3.67 -7.90
C ALA B 241 -5.02 3.18 -7.11
N VAL B 242 -4.24 4.12 -6.59
CA VAL B 242 -3.02 3.77 -5.89
C VAL B 242 -3.28 2.87 -4.62
N ALA B 243 -4.44 3.07 -3.97
CA ALA B 243 -4.82 2.37 -2.77
C ALA B 243 -4.83 0.86 -2.95
N ASN B 244 -4.86 0.39 -4.17
CA ASN B 244 -4.83 -1.01 -4.49
C ASN B 244 -3.43 -1.61 -4.36
N ASN B 245 -2.42 -0.78 -4.33
CA ASN B 245 -1.03 -1.26 -4.17
C ASN B 245 -0.58 -2.21 -5.31
N VAL B 246 -1.01 -2.00 -6.55
CA VAL B 246 -0.54 -2.75 -7.67
C VAL B 246 0.67 -2.00 -8.23
N HIS B 247 1.79 -2.13 -7.52
CA HIS B 247 2.94 -1.26 -7.68
C HIS B 247 3.55 -1.31 -9.10
N ASN B 248 3.53 -2.44 -9.77
CA ASN B 248 4.14 -2.54 -11.06
C ASN B 248 3.22 -2.18 -12.24
N PHE B 249 1.94 -1.82 -12.00
CA PHE B 249 1.09 -1.36 -13.12
C PHE B 249 1.45 0.02 -13.57
N VAL B 250 1.48 0.20 -14.87
CA VAL B 250 1.56 1.50 -15.49
C VAL B 250 0.58 2.51 -14.87
N GLU B 251 -0.63 2.05 -14.61
CA GLU B 251 -1.70 2.90 -14.06
C GLU B 251 -1.49 3.31 -12.67
N HIS B 252 -0.80 2.45 -11.91
CA HIS B 252 -0.40 2.80 -10.55
C HIS B 252 0.68 3.83 -10.63
N ARG B 253 1.71 3.56 -11.44
CA ARG B 253 2.80 4.51 -11.58
C ARG B 253 2.30 5.90 -11.97
N TYR B 254 1.43 5.97 -12.95
CA TYR B 254 1.04 7.25 -13.51
C TYR B 254 -0.11 7.86 -12.78
N ALA B 255 -0.87 7.07 -12.02
CA ALA B 255 -1.74 7.65 -11.00
C ALA B 255 -0.92 8.46 -9.98
N LEU B 256 0.18 7.92 -9.48
CA LEU B 256 1.03 8.66 -8.58
C LEU B 256 1.56 9.89 -9.27
N LEU B 257 1.98 9.73 -10.53
CA LEU B 257 2.50 10.89 -11.31
C LEU B 257 1.46 11.94 -11.43
N GLU B 258 0.26 11.62 -11.86
CA GLU B 258 -0.88 12.59 -11.98
C GLU B 258 -1.18 13.30 -10.62
N LEU B 259 -1.14 12.54 -9.53
CA LEU B 259 -1.34 13.11 -8.21
C LEU B 259 -0.19 14.08 -7.94
N SER B 260 1.02 13.69 -8.33
CA SER B 260 2.18 14.58 -8.16
C SER B 260 1.96 15.88 -8.92
N LEU B 261 1.44 15.83 -10.13
CA LEU B 261 1.12 17.01 -10.89
C LEU B 261 -0.02 17.86 -10.29
N LEU B 262 -1.04 17.23 -9.74
CA LEU B 262 -2.13 17.97 -9.13
C LEU B 262 -1.65 18.62 -7.82
N GLY B 263 -0.60 18.08 -7.22
CA GLY B 263 -0.13 18.54 -5.92
C GLY B 263 0.64 19.83 -6.10
N GLN B 264 1.38 19.94 -7.23
CA GLN B 264 2.09 21.16 -7.67
C GLN B 264 1.15 22.37 -7.86
N ASP B 265 0.20 22.23 -8.80
CA ASP B 265 -0.86 23.23 -9.03
C ASP B 265 -1.94 23.20 -7.92
C TRS C . -1.16 4.68 17.23
C1 TRS C . -0.24 3.47 17.52
C2 TRS C . -0.36 6.01 17.25
C3 TRS C . -2.24 4.79 18.31
N TRS C . -1.67 4.45 15.87
O1 TRS C . -0.09 2.72 16.34
O2 TRS C . 0.89 5.76 16.60
O3 TRS C . -2.91 3.48 18.40
C TRS D . -1.46 -3.41 -17.31
C1 TRS D . -2.26 -2.81 -18.49
C2 TRS D . 0.03 -3.13 -17.48
C3 TRS D . -1.72 -4.92 -17.35
N TRS D . -1.97 -2.87 -16.06
O1 TRS D . -1.92 -1.46 -18.78
O2 TRS D . 0.71 -2.96 -16.25
O3 TRS D . -0.97 -5.76 -16.43
#